data_6BQ3
#
_entry.id   6BQ3
#
_cell.length_a   81.052
_cell.length_b   81.052
_cell.length_c   163.128
_cell.angle_alpha   90.00
_cell.angle_beta   90.00
_cell.angle_gamma   90.00
#
_symmetry.space_group_name_H-M   'P 43 21 2'
#
loop_
_entity.id
_entity.type
_entity.pdbx_description
1 polymer 'Thermospermine synthase'
2 non-polymer "5'-S-(3-aminopropyl)-5'-thioadenosine"
3 water water
#
_entity_poly.entity_id   1
_entity_poly.type   'polypeptide(L)'
_entity_poly.pdbx_seq_one_letter_code
;SNAMGEVAYTNGNGNDKSHSPPNGYRKSCWYEEEIEENLRWCFALNSILHTGASQYQDIALLDTKPFGKALVLDGKLQSA
ETDEFIYHECLVHPALLHHPMPKNVFIMGGGEGSTARELLRHKTIDKVVMCDIDEEVVEFCKSYLVVNKEAFHDSRLEVV
INDAKAELEGKEEKYDVIVGDLADPIEGGPCYKLYTKDFYELTLKPKLKKGGIFVTQAGPAGIFSHTEVFSCIYNTLRQV
FKYVVPYSAHIPSYADIWGWVLASDSPLDLSAEELDIRMRQRIIEENRYLDGKTFVSSSTLSKAVRNSLNNETHVYTEGA
ARFIYGHGKNA
;
_entity_poly.pdbx_strand_id   A,B
#
# COMPACT_ATOMS: atom_id res chain seq x y z
N LYS A 27 11.44 -23.96 -5.40
CA LYS A 27 10.63 -24.60 -4.31
C LYS A 27 9.52 -25.48 -4.90
N SER A 28 9.20 -26.55 -4.20
CA SER A 28 8.40 -27.63 -4.77
C SER A 28 6.90 -27.37 -4.70
N CYS A 29 6.42 -26.93 -3.53
CA CYS A 29 4.98 -26.97 -3.20
C CYS A 29 4.38 -25.55 -3.04
N TRP A 30 3.27 -25.32 -3.72
CA TRP A 30 2.69 -23.98 -3.84
C TRP A 30 1.19 -24.01 -3.68
N TYR A 31 0.69 -22.97 -3.01
CA TYR A 31 -0.72 -22.61 -3.06
C TYR A 31 -0.87 -21.48 -4.09
N GLU A 32 -1.86 -21.59 -4.93
CA GLU A 32 -2.06 -20.69 -6.04
C GLU A 32 -3.42 -20.06 -5.86
N GLU A 33 -3.49 -18.75 -5.97
CA GLU A 33 -4.73 -18.04 -5.87
C GLU A 33 -4.89 -17.12 -7.05
N GLU A 34 -6.04 -17.20 -7.74
CA GLU A 34 -6.34 -16.31 -8.85
C GLU A 34 -7.05 -15.18 -8.18
N ILE A 35 -6.45 -14.01 -8.24
CA ILE A 35 -7.04 -12.87 -7.55
C ILE A 35 -7.91 -12.10 -8.53
N GLU A 36 -7.44 -11.92 -9.75
CA GLU A 36 -8.30 -11.47 -10.86
C GLU A 36 -8.22 -12.52 -11.94
N GLU A 37 -9.06 -12.41 -12.97
CA GLU A 37 -8.96 -13.36 -14.12
C GLU A 37 -7.56 -13.33 -14.83
N ASN A 38 -6.80 -12.22 -14.69
CA ASN A 38 -5.45 -12.08 -15.30
C ASN A 38 -4.26 -11.88 -14.34
N LEU A 39 -4.47 -12.26 -13.08
CA LEU A 39 -3.50 -12.07 -12.03
C LEU A 39 -3.57 -13.26 -11.08
N ARG A 40 -2.44 -13.95 -10.93
CA ARG A 40 -2.26 -15.06 -9.97
C ARG A 40 -1.09 -14.81 -9.04
N TRP A 41 -1.24 -15.34 -7.85
CA TRP A 41 -0.43 -15.06 -6.66
C TRP A 41 -0.16 -16.46 -6.10
N CYS A 42 1.11 -16.81 -5.98
CA CYS A 42 1.52 -18.15 -5.57
C CYS A 42 2.41 -18.05 -4.35
N PHE A 43 2.08 -18.79 -3.29
CA PHE A 43 2.92 -18.84 -2.06
C PHE A 43 3.48 -20.21 -1.85
N ALA A 44 4.71 -20.27 -1.39
CA ALA A 44 5.33 -21.57 -1.13
C ALA A 44 4.74 -22.18 0.17
N LEU A 45 4.54 -23.48 0.17
CA LEU A 45 3.89 -24.18 1.25
C LEU A 45 4.84 -25.09 2.03
N ASN A 46 4.62 -25.12 3.33
CA ASN A 46 5.23 -26.04 4.28
C ASN A 46 4.33 -27.24 4.45
N SER A 47 3.03 -27.03 4.63
CA SER A 47 2.09 -28.11 4.78
C SER A 47 0.67 -27.64 4.58
N ILE A 48 -0.22 -28.61 4.48
CA ILE A 48 -1.61 -28.39 4.37
C ILE A 48 -2.15 -28.94 5.68
N LEU A 49 -2.36 -28.07 6.68
CA LEU A 49 -2.56 -28.51 8.05
C LEU A 49 -3.92 -29.16 8.24
N HIS A 50 -4.97 -28.49 7.79
CA HIS A 50 -6.30 -29.03 7.94
C HIS A 50 -7.08 -28.60 6.70
N THR A 51 -7.88 -29.51 6.12
CA THR A 51 -8.87 -29.16 5.08
C THR A 51 -10.28 -29.66 5.41
N GLY A 52 -11.12 -28.78 5.93
CA GLY A 52 -12.54 -29.06 6.13
C GLY A 52 -13.46 -28.52 5.02
N ALA A 53 -14.74 -28.79 5.16
CA ALA A 53 -15.77 -28.14 4.35
C ALA A 53 -17.07 -28.20 5.12
N SER A 54 -17.90 -27.20 4.91
CA SER A 54 -19.23 -27.14 5.48
C SER A 54 -20.15 -26.89 4.30
N GLN A 55 -21.44 -26.75 4.57
CA GLN A 55 -22.38 -26.38 3.52
C GLN A 55 -22.19 -24.95 3.01
N TYR A 56 -21.41 -24.13 3.72
CA TYR A 56 -21.23 -22.73 3.37
C TYR A 56 -20.03 -22.48 2.49
N GLN A 57 -18.92 -23.16 2.77
CA GLN A 57 -17.69 -22.92 2.05
C GLN A 57 -16.66 -23.99 2.32
N ASP A 58 -15.64 -24.01 1.48
CA ASP A 58 -14.41 -24.76 1.72
C ASP A 58 -13.54 -24.06 2.73
N ILE A 59 -12.95 -24.84 3.63
CA ILE A 59 -12.13 -24.35 4.72
C ILE A 59 -10.81 -25.08 4.59
N ALA A 60 -9.72 -24.36 4.87
CA ALA A 60 -8.38 -24.90 4.81
C ALA A 60 -7.43 -24.06 5.66
N LEU A 61 -6.56 -24.73 6.42
CA LEU A 61 -5.44 -24.10 7.08
C LEU A 61 -4.15 -24.60 6.40
N LEU A 62 -3.36 -23.68 5.89
CA LEU A 62 -2.13 -24.00 5.21
C LEU A 62 -1.06 -23.51 6.14
N ASP A 63 0.10 -24.13 6.09
CA ASP A 63 1.28 -23.50 6.66
C ASP A 63 2.10 -23.02 5.49
N THR A 64 2.20 -21.70 5.33
CA THR A 64 2.84 -21.13 4.16
C THR A 64 4.18 -20.57 4.57
N LYS A 65 5.12 -20.60 3.63
CA LYS A 65 6.42 -20.02 3.88
C LYS A 65 6.39 -18.52 4.06
N PRO A 66 5.80 -17.77 3.10
CA PRO A 66 5.86 -16.31 3.28
C PRO A 66 4.96 -15.72 4.38
N PHE A 67 3.82 -16.33 4.66
CA PHE A 67 2.89 -15.70 5.60
C PHE A 67 2.52 -16.50 6.82
N GLY A 68 3.22 -17.60 7.08
CA GLY A 68 2.89 -18.55 8.10
C GLY A 68 1.55 -19.22 7.84
N LYS A 69 0.90 -19.58 8.92
CA LYS A 69 -0.41 -20.21 8.89
C LYS A 69 -1.44 -19.33 8.25
N ALA A 70 -2.22 -19.88 7.36
CA ALA A 70 -3.17 -19.08 6.59
C ALA A 70 -4.51 -19.77 6.45
N LEU A 71 -5.56 -19.04 6.75
CA LEU A 71 -6.91 -19.55 6.59
C LEU A 71 -7.45 -19.20 5.24
N VAL A 72 -7.89 -20.22 4.50
CA VAL A 72 -8.35 -20.08 3.14
C VAL A 72 -9.80 -20.57 3.08
N LEU A 73 -10.69 -19.69 2.62
CA LEU A 73 -12.13 -19.97 2.55
C LEU A 73 -12.58 -19.88 1.12
N ASP A 74 -13.18 -20.98 0.63
CA ASP A 74 -13.58 -21.08 -0.77
C ASP A 74 -12.44 -20.69 -1.68
N GLY A 75 -11.24 -21.15 -1.37
CA GLY A 75 -10.07 -20.76 -2.14
C GLY A 75 -9.60 -19.32 -2.11
N LYS A 76 -10.01 -18.53 -1.12
CA LYS A 76 -9.49 -17.17 -0.95
C LYS A 76 -8.83 -17.13 0.42
N LEU A 77 -7.55 -16.71 0.47
CA LEU A 77 -6.88 -16.46 1.73
C LEU A 77 -7.66 -15.36 2.44
N GLN A 78 -7.99 -15.60 3.71
CA GLN A 78 -8.76 -14.63 4.49
C GLN A 78 -8.04 -14.15 5.75
N SER A 79 -7.02 -14.86 6.21
CA SER A 79 -6.23 -14.44 7.35
C SER A 79 -4.86 -15.09 7.21
N ALA A 80 -3.79 -14.36 7.49
CA ALA A 80 -2.45 -15.02 7.53
C ALA A 80 -1.79 -14.62 8.81
N GLU A 81 -1.10 -15.59 9.40
CA GLU A 81 -0.47 -15.44 10.70
C GLU A 81 0.43 -14.20 10.73
N THR A 82 1.22 -13.99 9.69
CA THR A 82 2.18 -12.87 9.70
C THR A 82 1.57 -11.49 9.64
N ASP A 83 0.41 -11.31 9.02
CA ASP A 83 -0.08 -9.93 8.86
C ASP A 83 -1.55 -9.67 9.18
N GLU A 84 -2.20 -10.64 9.81
CA GLU A 84 -3.61 -10.48 10.20
C GLU A 84 -3.78 -9.38 11.22
N PHE A 85 -2.73 -9.11 12.00
CA PHE A 85 -2.76 -8.05 12.95
C PHE A 85 -3.07 -6.69 12.30
N ILE A 86 -2.60 -6.49 11.07
CA ILE A 86 -2.82 -5.20 10.41
C ILE A 86 -4.30 -5.09 10.06
N TYR A 87 -4.83 -6.11 9.42
CA TYR A 87 -6.24 -6.14 9.09
C TYR A 87 -7.11 -5.90 10.32
N HIS A 88 -6.81 -6.61 11.41
CA HIS A 88 -7.67 -6.60 12.58
C HIS A 88 -7.53 -5.38 13.46
N GLU A 89 -6.32 -4.83 13.57
CA GLU A 89 -6.17 -3.51 14.20
C GLU A 89 -6.93 -2.42 13.45
N CYS A 90 -6.80 -2.43 12.13
CA CYS A 90 -7.41 -1.41 11.29
C CYS A 90 -8.91 -1.52 11.32
N LEU A 91 -9.43 -2.74 11.32
CA LEU A 91 -10.87 -2.96 11.32
C LEU A 91 -11.48 -2.48 12.62
N VAL A 92 -10.79 -2.72 13.72
CA VAL A 92 -11.45 -2.62 15.05
C VAL A 92 -11.19 -1.31 15.73
N HIS A 93 -9.93 -0.95 15.85
CA HIS A 93 -9.59 0.13 16.75
C HIS A 93 -10.09 1.53 16.38
N PRO A 94 -9.98 1.98 15.11
CA PRO A 94 -10.58 3.30 14.80
C PRO A 94 -12.06 3.47 15.26
N ALA A 95 -12.89 2.46 15.06
CA ALA A 95 -14.30 2.60 15.34
C ALA A 95 -14.52 2.79 16.81
N LEU A 96 -13.87 1.96 17.62
CA LEU A 96 -14.05 2.07 19.09
C LEU A 96 -13.43 3.35 19.64
N LEU A 97 -12.30 3.79 19.06
CA LEU A 97 -11.61 4.98 19.61
C LEU A 97 -12.34 6.28 19.32
N HIS A 98 -13.13 6.29 18.25
CA HIS A 98 -14.01 7.43 17.97
C HIS A 98 -15.27 7.42 18.83
N HIS A 99 -15.67 6.27 19.40
CA HIS A 99 -16.80 6.26 20.34
C HIS A 99 -16.39 6.82 21.73
N PRO A 100 -17.27 7.60 22.40
CA PRO A 100 -16.86 8.07 23.76
C PRO A 100 -16.69 6.97 24.84
N MET A 101 -17.41 5.87 24.70
CA MET A 101 -17.46 4.83 25.73
C MET A 101 -18.18 3.58 25.16
N PRO A 102 -17.50 2.79 24.29
CA PRO A 102 -18.14 1.63 23.67
C PRO A 102 -18.15 0.46 24.65
N LYS A 103 -19.34 -0.09 24.94
CA LYS A 103 -19.50 -1.18 25.88
C LYS A 103 -19.86 -2.52 25.21
N ASN A 104 -20.74 -2.48 24.23
CA ASN A 104 -21.18 -3.69 23.56
C ASN A 104 -21.00 -3.57 22.07
N VAL A 105 -20.66 -4.69 21.43
N VAL A 105 -20.66 -4.69 21.42
CA VAL A 105 -20.31 -4.72 20.00
CA VAL A 105 -20.34 -4.68 19.99
C VAL A 105 -20.81 -6.01 19.38
C VAL A 105 -20.77 -6.01 19.37
N PHE A 106 -21.34 -5.90 18.16
CA PHE A 106 -21.83 -7.05 17.40
C PHE A 106 -20.97 -7.16 16.16
N ILE A 107 -20.41 -8.34 15.94
CA ILE A 107 -19.57 -8.65 14.77
C ILE A 107 -20.41 -9.48 13.80
N MET A 108 -20.46 -9.06 12.55
CA MET A 108 -21.05 -9.85 11.47
C MET A 108 -19.92 -10.64 10.84
N GLY A 109 -19.92 -11.97 11.03
CA GLY A 109 -18.74 -12.81 10.79
C GLY A 109 -17.91 -13.01 12.08
N GLY A 110 -16.60 -12.85 11.95
CA GLY A 110 -15.69 -12.95 13.09
C GLY A 110 -15.25 -14.34 13.48
N GLY A 111 -15.69 -15.37 12.73
CA GLY A 111 -15.40 -16.76 13.09
C GLY A 111 -13.93 -17.07 13.30
N GLU A 112 -13.07 -16.39 12.55
CA GLU A 112 -11.63 -16.50 12.68
C GLU A 112 -11.10 -16.04 14.05
N GLY A 113 -11.83 -15.15 14.71
CA GLY A 113 -11.59 -14.84 16.12
C GLY A 113 -10.67 -13.66 16.44
N SER A 114 -10.02 -13.08 15.43
CA SER A 114 -9.04 -12.02 15.65
C SER A 114 -9.71 -10.67 15.82
N THR A 115 -10.88 -10.49 15.23
CA THR A 115 -11.62 -9.26 15.44
C THR A 115 -12.09 -9.22 16.89
N ALA A 116 -12.50 -10.38 17.40
CA ALA A 116 -12.88 -10.50 18.78
C ALA A 116 -11.69 -10.23 19.68
N ARG A 117 -10.54 -10.81 19.37
CA ARG A 117 -9.34 -10.61 20.16
C ARG A 117 -9.07 -9.13 20.28
N GLU A 118 -9.12 -8.41 19.16
CA GLU A 118 -8.76 -7.00 19.20
C GLU A 118 -9.80 -6.16 19.97
N LEU A 119 -11.10 -6.47 19.78
CA LEU A 119 -12.19 -5.84 20.52
C LEU A 119 -12.03 -6.03 22.01
N LEU A 120 -11.66 -7.25 22.42
CA LEU A 120 -11.56 -7.60 23.85
C LEU A 120 -10.36 -6.93 24.54
N ARG A 121 -9.45 -6.35 23.75
CA ARG A 121 -8.38 -5.55 24.29
C ARG A 121 -8.88 -4.19 24.84
N HIS A 122 -10.07 -3.75 24.45
CA HIS A 122 -10.60 -2.51 24.97
C HIS A 122 -11.15 -2.69 26.40
N LYS A 123 -10.75 -1.78 27.28
CA LYS A 123 -11.13 -1.82 28.68
C LYS A 123 -12.61 -1.48 28.94
N THR A 124 -13.22 -0.73 28.03
CA THR A 124 -14.61 -0.28 28.20
C THR A 124 -15.59 -1.40 27.80
N ILE A 125 -15.12 -2.37 27.04
CA ILE A 125 -15.98 -3.35 26.41
C ILE A 125 -16.40 -4.40 27.40
N ASP A 126 -17.71 -4.65 27.53
CA ASP A 126 -18.19 -5.72 28.41
C ASP A 126 -18.91 -6.84 27.68
N LYS A 127 -19.19 -6.68 26.40
CA LYS A 127 -19.91 -7.70 25.65
C LYS A 127 -19.52 -7.67 24.16
N VAL A 128 -19.11 -8.82 23.65
CA VAL A 128 -18.84 -8.96 22.24
C VAL A 128 -19.64 -10.11 21.74
N VAL A 129 -20.49 -9.87 20.74
CA VAL A 129 -21.21 -10.94 20.06
C VAL A 129 -20.49 -11.24 18.73
N MET A 130 -19.94 -12.46 18.61
CA MET A 130 -19.44 -12.98 17.35
C MET A 130 -20.55 -13.77 16.67
N CYS A 131 -21.14 -13.18 15.66
CA CYS A 131 -22.20 -13.84 14.93
C CYS A 131 -21.69 -14.33 13.56
N ASP A 132 -21.27 -15.59 13.48
CA ASP A 132 -20.81 -16.17 12.21
C ASP A 132 -21.79 -17.24 11.74
N ILE A 133 -21.99 -17.34 10.43
CA ILE A 133 -22.93 -18.31 9.87
C ILE A 133 -22.38 -19.76 9.90
N ASP A 134 -21.06 -19.91 10.08
CA ASP A 134 -20.38 -21.19 9.89
C ASP A 134 -19.70 -21.66 11.20
N GLU A 135 -20.41 -22.52 11.93
CA GLU A 135 -19.91 -23.13 13.15
C GLU A 135 -18.54 -23.82 12.91
N GLU A 136 -18.38 -24.42 11.74
CA GLU A 136 -17.17 -25.19 11.46
C GLU A 136 -15.97 -24.24 11.39
N VAL A 137 -16.12 -23.07 10.79
CA VAL A 137 -15.04 -22.08 10.75
C VAL A 137 -14.61 -21.74 12.18
N VAL A 138 -15.61 -21.46 13.00
CA VAL A 138 -15.39 -21.12 14.40
C VAL A 138 -14.67 -22.24 15.13
N GLU A 139 -15.18 -23.46 14.98
CA GLU A 139 -14.59 -24.61 15.67
C GLU A 139 -13.15 -24.79 15.24
N PHE A 140 -12.99 -24.75 13.94
CA PHE A 140 -11.70 -24.86 13.28
C PHE A 140 -10.64 -23.86 13.82
N CYS A 141 -11.04 -22.60 13.88
CA CYS A 141 -10.16 -21.51 14.34
C CYS A 141 -9.98 -21.49 15.88
N LYS A 142 -11.10 -21.76 16.58
CA LYS A 142 -11.12 -22.05 18.02
C LYS A 142 -10.03 -23.07 18.32
N SER A 143 -10.00 -24.15 17.54
CA SER A 143 -8.94 -25.15 17.65
C SER A 143 -7.53 -24.72 17.18
N TYR A 144 -7.40 -24.13 16.00
CA TYR A 144 -6.07 -24.03 15.33
C TYR A 144 -5.44 -22.66 15.20
N LEU A 145 -6.16 -21.58 15.46
CA LEU A 145 -5.51 -20.28 15.47
C LEU A 145 -5.19 -19.92 16.92
N VAL A 146 -4.05 -20.40 17.37
CA VAL A 146 -3.62 -20.33 18.78
C VAL A 146 -3.57 -18.92 19.34
N VAL A 147 -3.27 -17.96 18.47
CA VAL A 147 -3.24 -16.56 18.85
C VAL A 147 -4.52 -16.07 19.55
N ASN A 148 -5.67 -16.60 19.12
CA ASN A 148 -6.97 -16.18 19.59
C ASN A 148 -7.57 -16.97 20.76
N LYS A 149 -6.72 -17.66 21.54
CA LYS A 149 -7.21 -18.58 22.58
C LYS A 149 -7.75 -17.82 23.81
N GLU A 150 -7.02 -16.82 24.24
CA GLU A 150 -7.47 -15.92 25.30
C GLU A 150 -8.78 -15.20 24.95
N ALA A 151 -8.90 -14.79 23.70
CA ALA A 151 -10.15 -14.19 23.22
C ALA A 151 -11.34 -15.15 23.23
N PHE A 152 -11.13 -16.36 22.70
CA PHE A 152 -12.23 -17.30 22.51
C PHE A 152 -12.78 -17.77 23.85
N HIS A 153 -11.97 -17.65 24.91
CA HIS A 153 -12.34 -18.06 26.27
C HIS A 153 -12.75 -16.93 27.23
N ASP A 154 -12.68 -15.69 26.78
CA ASP A 154 -13.05 -14.52 27.58
C ASP A 154 -14.57 -14.56 27.86
N SER A 155 -14.98 -14.31 29.11
CA SER A 155 -16.42 -14.37 29.48
C SER A 155 -17.31 -13.33 28.78
N ARG A 156 -16.71 -12.26 28.26
CA ARG A 156 -17.43 -11.24 27.54
C ARG A 156 -17.81 -11.65 26.11
N LEU A 157 -17.22 -12.75 25.62
CA LEU A 157 -17.48 -13.13 24.21
C LEU A 157 -18.70 -14.02 24.17
N GLU A 158 -19.68 -13.69 23.34
CA GLU A 158 -20.77 -14.62 23.06
C GLU A 158 -20.66 -15.04 21.60
N VAL A 159 -20.47 -16.35 21.36
CA VAL A 159 -20.47 -16.87 20.01
C VAL A 159 -21.91 -17.23 19.65
N VAL A 160 -22.33 -16.79 18.48
CA VAL A 160 -23.67 -17.03 17.97
C VAL A 160 -23.48 -17.62 16.58
N ILE A 161 -24.06 -18.80 16.32
CA ILE A 161 -23.99 -19.42 15.00
C ILE A 161 -25.29 -19.10 14.26
N ASN A 162 -25.22 -18.08 13.41
CA ASN A 162 -26.35 -17.60 12.58
C ASN A 162 -25.86 -16.71 11.43
N ASP A 163 -26.74 -16.55 10.46
CA ASP A 163 -26.65 -15.44 9.51
C ASP A 163 -26.86 -14.13 10.29
N ALA A 164 -25.89 -13.21 10.23
CA ALA A 164 -25.93 -11.97 10.99
C ALA A 164 -27.15 -11.11 10.67
N LYS A 165 -27.61 -11.15 9.42
CA LYS A 165 -28.80 -10.39 9.04
C LYS A 165 -30.05 -10.93 9.79
N ALA A 166 -30.22 -12.24 9.82
CA ALA A 166 -31.38 -12.83 10.54
C ALA A 166 -31.24 -12.58 12.06
N GLU A 167 -30.04 -12.78 12.56
CA GLU A 167 -29.77 -12.57 13.97
C GLU A 167 -30.08 -11.15 14.41
N LEU A 168 -29.59 -10.19 13.65
CA LEU A 168 -29.87 -8.78 13.91
C LEU A 168 -31.32 -8.41 13.95
N GLU A 169 -32.09 -8.79 12.93
CA GLU A 169 -33.53 -8.48 12.90
C GLU A 169 -34.35 -9.24 13.93
N GLY A 170 -33.86 -10.40 14.35
CA GLY A 170 -34.48 -11.18 15.41
C GLY A 170 -34.46 -10.55 16.80
N LYS A 171 -33.31 -10.02 17.20
CA LYS A 171 -33.07 -9.55 18.56
C LYS A 171 -33.31 -8.07 18.68
N GLU A 172 -33.69 -7.65 19.89
CA GLU A 172 -33.93 -6.24 20.18
CA GLU A 172 -33.92 -6.24 20.18
C GLU A 172 -32.68 -5.51 20.72
N GLU A 173 -31.63 -6.23 21.16
CA GLU A 173 -30.43 -5.53 21.72
C GLU A 173 -29.77 -4.59 20.68
N LYS A 174 -29.47 -3.39 21.15
CA LYS A 174 -28.82 -2.34 20.39
C LYS A 174 -27.37 -2.21 20.86
N TYR A 175 -26.46 -1.85 19.95
CA TYR A 175 -25.02 -1.91 20.20
C TYR A 175 -24.40 -0.53 19.99
N ASP A 176 -23.32 -0.29 20.72
CA ASP A 176 -22.49 0.89 20.55
C ASP A 176 -21.70 0.84 19.21
N VAL A 177 -21.25 -0.35 18.84
CA VAL A 177 -20.47 -0.56 17.63
C VAL A 177 -20.92 -1.85 16.96
N ILE A 178 -21.12 -1.80 15.66
CA ILE A 178 -21.30 -2.97 14.89
C ILE A 178 -20.16 -3.05 13.87
N VAL A 179 -19.56 -4.24 13.76
CA VAL A 179 -18.39 -4.50 12.91
C VAL A 179 -18.75 -5.52 11.81
N GLY A 180 -18.53 -5.14 10.57
CA GLY A 180 -18.73 -6.05 9.44
C GLY A 180 -17.41 -6.65 9.08
N ASP A 181 -17.28 -7.96 9.33
CA ASP A 181 -16.04 -8.70 9.11
C ASP A 181 -16.49 -9.86 8.22
N LEU A 182 -17.22 -9.47 7.17
CA LEU A 182 -17.71 -10.41 6.14
C LEU A 182 -16.77 -10.48 4.93
N ALA A 183 -17.02 -11.46 4.07
CA ALA A 183 -16.35 -11.51 2.75
C ALA A 183 -16.95 -10.43 1.87
N ASP A 184 -16.24 -10.01 0.82
CA ASP A 184 -16.72 -8.91 -0.04
C ASP A 184 -18.11 -9.21 -0.61
N PRO A 185 -18.85 -8.17 -1.02
CA PRO A 185 -20.15 -8.47 -1.61
C PRO A 185 -20.08 -9.07 -3.04
N ILE A 186 -20.22 -10.41 -3.13
CA ILE A 186 -20.23 -11.11 -4.45
C ILE A 186 -21.61 -11.74 -4.72
N GLU A 187 -22.18 -11.39 -5.87
CA GLU A 187 -23.53 -11.86 -6.28
C GLU A 187 -23.75 -13.35 -5.99
N GLY A 188 -24.92 -13.70 -5.44
CA GLY A 188 -25.24 -15.08 -5.08
C GLY A 188 -24.48 -15.72 -3.93
N GLY A 189 -23.67 -14.93 -3.21
CA GLY A 189 -22.96 -15.40 -2.00
C GLY A 189 -23.73 -15.06 -0.75
N PRO A 190 -23.32 -15.62 0.41
CA PRO A 190 -24.06 -15.40 1.66
C PRO A 190 -23.79 -14.03 2.32
N CYS A 191 -22.92 -13.21 1.71
CA CYS A 191 -22.53 -11.90 2.28
C CYS A 191 -23.14 -10.71 1.57
N TYR A 192 -23.49 -10.87 0.28
CA TYR A 192 -23.93 -9.74 -0.53
C TYR A 192 -25.03 -8.91 0.12
N LYS A 193 -26.07 -9.60 0.64
CA LYS A 193 -27.25 -9.01 1.33
C LYS A 193 -26.83 -7.94 2.36
N LEU A 194 -25.72 -8.21 3.06
CA LEU A 194 -25.31 -7.45 4.24
C LEU A 194 -24.51 -6.19 3.88
N TYR A 195 -24.42 -5.86 2.59
CA TYR A 195 -23.86 -4.59 2.16
C TYR A 195 -24.87 -3.73 1.40
N THR A 196 -26.13 -4.15 1.31
CA THR A 196 -27.14 -3.36 0.58
C THR A 196 -27.58 -2.18 1.43
N LYS A 197 -27.93 -1.09 0.76
CA LYS A 197 -28.59 0.06 1.36
C LYS A 197 -29.81 -0.35 2.21
N ASP A 198 -30.58 -1.31 1.68
CA ASP A 198 -31.77 -1.89 2.35
C ASP A 198 -31.36 -2.49 3.71
N PHE A 199 -30.38 -3.39 3.67
CA PHE A 199 -29.85 -4.01 4.88
C PHE A 199 -29.37 -2.97 5.93
N TYR A 200 -28.60 -2.00 5.47
CA TYR A 200 -28.12 -0.94 6.34
C TYR A 200 -29.28 -0.17 6.98
N GLU A 201 -30.10 0.43 6.13
CA GLU A 201 -31.19 1.32 6.53
C GLU A 201 -32.21 0.68 7.50
N LEU A 202 -32.56 -0.57 7.26
CA LEU A 202 -33.73 -1.24 7.88
C LEU A 202 -33.39 -2.38 8.86
N THR A 203 -32.18 -2.94 8.80
CA THR A 203 -31.76 -3.99 9.74
C THR A 203 -30.66 -3.44 10.64
N LEU A 204 -29.55 -2.99 10.04
CA LEU A 204 -28.37 -2.57 10.83
C LEU A 204 -28.58 -1.31 11.68
N LYS A 205 -29.02 -0.24 11.05
CA LYS A 205 -28.99 1.05 11.72
C LYS A 205 -29.99 1.14 12.89
N PRO A 206 -31.21 0.53 12.75
CA PRO A 206 -32.08 0.43 13.93
C PRO A 206 -31.41 -0.21 15.16
N LYS A 207 -30.46 -1.13 14.95
CA LYS A 207 -29.79 -1.84 16.05
C LYS A 207 -28.50 -1.17 16.59
N LEU A 208 -28.25 0.05 16.14
CA LEU A 208 -27.19 0.90 16.66
C LEU A 208 -27.78 1.76 17.70
N LYS A 209 -27.16 1.80 18.87
CA LYS A 209 -27.51 2.74 19.89
C LYS A 209 -27.32 4.17 19.39
N LYS A 210 -27.85 5.13 20.16
CA LYS A 210 -27.41 6.54 20.09
C LYS A 210 -25.90 6.66 20.12
N GLY A 211 -25.33 7.47 19.22
CA GLY A 211 -23.88 7.61 19.14
C GLY A 211 -23.17 6.37 18.59
N GLY A 212 -23.94 5.46 18.00
CA GLY A 212 -23.41 4.18 17.51
C GLY A 212 -22.48 4.38 16.30
N ILE A 213 -21.53 3.46 16.13
CA ILE A 213 -20.59 3.51 15.05
C ILE A 213 -20.55 2.17 14.36
N PHE A 214 -20.62 2.20 13.03
CA PHE A 214 -20.52 1.01 12.25
C PHE A 214 -19.17 1.04 11.55
N VAL A 215 -18.54 -0.12 11.38
CA VAL A 215 -17.39 -0.21 10.50
C VAL A 215 -17.52 -1.52 9.74
N THR A 216 -17.18 -1.48 8.46
CA THR A 216 -17.15 -2.70 7.69
C THR A 216 -15.86 -2.79 6.94
N GLN A 217 -15.32 -4.00 6.86
CA GLN A 217 -14.32 -4.31 5.83
C GLN A 217 -14.95 -3.99 4.46
N ALA A 218 -14.11 -3.52 3.54
CA ALA A 218 -14.61 -2.99 2.26
C ALA A 218 -13.81 -3.36 1.01
N GLY A 219 -13.03 -4.42 1.09
CA GLY A 219 -12.46 -5.01 -0.11
C GLY A 219 -11.19 -4.32 -0.57
N PRO A 220 -10.69 -4.69 -1.77
CA PRO A 220 -9.53 -4.06 -2.36
C PRO A 220 -9.64 -2.56 -2.44
N ALA A 221 -8.54 -1.87 -2.17
CA ALA A 221 -8.52 -0.42 -2.14
C ALA A 221 -7.28 0.11 -2.86
N GLY A 222 -6.84 -0.64 -3.87
CA GLY A 222 -5.76 -0.22 -4.75
C GLY A 222 -6.18 0.90 -5.68
N ILE A 223 -5.17 1.54 -6.24
CA ILE A 223 -5.36 2.58 -7.26
C ILE A 223 -6.40 2.25 -8.32
N PHE A 224 -6.39 1.04 -8.85
CA PHE A 224 -7.43 0.58 -9.78
C PHE A 224 -8.44 -0.42 -9.21
N SER A 225 -7.99 -1.26 -8.28
CA SER A 225 -8.81 -2.32 -7.71
C SER A 225 -9.91 -1.78 -6.80
N HIS A 226 -9.76 -0.56 -6.28
CA HIS A 226 -10.76 0.04 -5.43
C HIS A 226 -12.17 0.27 -6.06
N THR A 227 -12.28 0.29 -7.38
CA THR A 227 -13.60 0.46 -8.01
C THR A 227 -14.51 -0.80 -7.95
N GLU A 228 -13.95 -1.99 -7.68
CA GLU A 228 -14.73 -3.26 -7.64
C GLU A 228 -15.84 -3.26 -6.58
N VAL A 229 -15.47 -3.13 -5.31
CA VAL A 229 -16.45 -3.04 -4.20
C VAL A 229 -16.23 -1.85 -3.26
N PHE A 230 -15.02 -1.37 -3.10
CA PHE A 230 -14.72 -0.33 -2.09
C PHE A 230 -15.51 0.94 -2.36
N SER A 231 -15.40 1.48 -3.58
CA SER A 231 -16.08 2.73 -3.87
C SER A 231 -17.57 2.56 -3.68
N CYS A 232 -18.13 1.42 -4.08
CA CYS A 232 -19.58 1.17 -3.98
CA CYS A 232 -19.59 1.18 -4.00
C CYS A 232 -20.04 1.00 -2.55
N ILE A 233 -19.22 0.33 -1.72
CA ILE A 233 -19.56 0.18 -0.26
C ILE A 233 -19.60 1.59 0.38
N TYR A 234 -18.54 2.35 0.15
CA TYR A 234 -18.46 3.74 0.57
C TYR A 234 -19.72 4.52 0.17
N ASN A 235 -20.12 4.42 -1.10
CA ASN A 235 -21.24 5.25 -1.58
C ASN A 235 -22.57 4.76 -1.03
N THR A 236 -22.73 3.44 -0.93
CA THR A 236 -23.90 2.85 -0.31
C THR A 236 -24.04 3.38 1.13
N LEU A 237 -22.94 3.40 1.89
CA LEU A 237 -23.03 3.93 3.30
C LEU A 237 -23.30 5.41 3.39
N ARG A 238 -22.65 6.16 2.52
CA ARG A 238 -22.96 7.58 2.29
C ARG A 238 -24.49 7.93 2.18
N GLN A 239 -25.24 7.01 1.58
CA GLN A 239 -26.71 7.16 1.41
C GLN A 239 -27.52 6.87 2.69
N VAL A 240 -26.89 6.25 3.67
CA VAL A 240 -27.57 5.86 4.92
C VAL A 240 -27.09 6.69 6.12
N PHE A 241 -25.80 6.97 6.22
CA PHE A 241 -25.21 7.60 7.42
C PHE A 241 -24.75 8.99 7.12
N LYS A 242 -24.71 9.79 8.18
CA LYS A 242 -24.36 11.20 8.04
C LYS A 242 -22.90 11.37 7.79
N TYR A 243 -22.08 10.59 8.50
CA TYR A 243 -20.62 10.69 8.43
C TYR A 243 -20.07 9.34 7.97
N VAL A 244 -19.17 9.37 7.01
CA VAL A 244 -18.65 8.19 6.45
C VAL A 244 -17.16 8.46 6.22
N VAL A 245 -16.30 7.57 6.69
CA VAL A 245 -14.85 7.73 6.59
C VAL A 245 -14.23 6.44 6.02
N PRO A 246 -13.81 6.50 4.75
CA PRO A 246 -13.10 5.43 4.11
C PRO A 246 -11.60 5.48 4.50
N TYR A 247 -10.98 4.33 4.71
CA TYR A 247 -9.53 4.30 4.96
C TYR A 247 -8.95 2.99 4.51
N SER A 248 -7.63 2.95 4.33
CA SER A 248 -6.99 1.80 3.74
C SER A 248 -5.56 1.54 4.23
N ALA A 249 -5.11 0.29 4.04
CA ALA A 249 -3.72 -0.07 4.38
C ALA A 249 -3.35 -1.34 3.66
N HIS A 250 -2.07 -1.43 3.30
CA HIS A 250 -1.51 -2.60 2.64
C HIS A 250 -1.61 -3.88 3.52
N ILE A 251 -2.14 -4.96 2.96
CA ILE A 251 -2.03 -6.26 3.60
C ILE A 251 -1.28 -7.20 2.63
N PRO A 252 0.00 -7.50 2.92
CA PRO A 252 0.82 -8.28 1.99
C PRO A 252 0.16 -9.60 1.58
N SER A 253 -0.43 -10.32 2.53
CA SER A 253 -1.08 -11.62 2.24
C SER A 253 -2.34 -11.53 1.36
N TYR A 254 -2.93 -10.35 1.28
CA TYR A 254 -4.08 -10.07 0.42
C TYR A 254 -3.62 -9.56 -0.93
N ALA A 255 -2.31 -9.33 -1.11
CA ALA A 255 -1.74 -8.86 -2.37
C ALA A 255 -2.36 -7.53 -2.80
N ASP A 256 -2.81 -6.70 -1.86
CA ASP A 256 -3.36 -5.42 -2.20
C ASP A 256 -3.43 -4.51 -1.02
N ILE A 257 -3.65 -3.23 -1.31
CA ILE A 257 -4.19 -2.33 -0.32
C ILE A 257 -5.61 -2.79 -0.04
N TRP A 258 -5.98 -2.81 1.24
CA TRP A 258 -7.34 -3.16 1.63
C TRP A 258 -8.03 -1.97 2.26
N GLY A 259 -9.35 -1.98 2.17
CA GLY A 259 -10.19 -0.88 2.65
C GLY A 259 -11.13 -1.25 3.81
N TRP A 260 -11.46 -0.24 4.60
CA TRP A 260 -12.51 -0.23 5.60
C TRP A 260 -13.26 1.08 5.50
N VAL A 261 -14.50 1.09 5.94
CA VAL A 261 -15.31 2.31 6.04
C VAL A 261 -15.98 2.44 7.40
N LEU A 262 -15.69 3.54 8.12
CA LEU A 262 -16.40 3.88 9.33
C LEU A 262 -17.67 4.63 8.91
N ALA A 263 -18.77 4.41 9.62
CA ALA A 263 -20.01 5.11 9.28
C ALA A 263 -20.76 5.37 10.57
N SER A 264 -21.26 6.61 10.70
CA SER A 264 -22.00 7.02 11.89
C SER A 264 -22.91 8.19 11.62
N ASP A 265 -23.96 8.31 12.42
CA ASP A 265 -24.75 9.56 12.49
C ASP A 265 -24.16 10.56 13.46
N SER A 266 -23.11 10.19 14.20
CA SER A 266 -22.34 11.20 14.96
C SER A 266 -21.01 11.46 14.27
N PRO A 267 -20.34 12.59 14.59
CA PRO A 267 -19.11 12.91 13.86
C PRO A 267 -18.01 11.93 14.16
N LEU A 268 -17.02 11.91 13.27
CA LEU A 268 -15.85 11.05 13.39
C LEU A 268 -14.59 11.90 13.09
N ASP A 269 -14.19 12.73 14.06
CA ASP A 269 -13.00 13.57 13.96
C ASP A 269 -12.05 13.62 15.15
N LEU A 270 -11.17 12.66 15.29
CA LEU A 270 -10.13 12.83 16.25
C LEU A 270 -8.92 13.12 15.40
N SER A 271 -8.04 13.94 15.94
CA SER A 271 -6.70 14.09 15.46
C SER A 271 -5.97 12.81 15.75
N ALA A 272 -4.72 12.72 15.27
CA ALA A 272 -3.77 11.65 15.63
C ALA A 272 -3.41 11.67 17.13
N GLU A 273 -3.28 12.86 17.66
CA GLU A 273 -2.81 13.02 19.04
C GLU A 273 -3.87 12.51 20.01
N GLU A 274 -5.12 12.90 19.73
CA GLU A 274 -6.28 12.45 20.50
C GLU A 274 -6.49 10.92 20.36
N LEU A 275 -6.21 10.36 19.18
CA LEU A 275 -6.26 8.90 19.03
C LEU A 275 -5.25 8.20 19.92
N ASP A 276 -4.02 8.72 19.95
CA ASP A 276 -2.95 8.13 20.78
C ASP A 276 -3.17 8.17 22.26
N ILE A 277 -3.71 9.28 22.73
CA ILE A 277 -4.17 9.39 24.13
C ILE A 277 -5.22 8.28 24.41
N ARG A 278 -6.26 8.26 23.58
CA ARG A 278 -7.33 7.29 23.76
C ARG A 278 -6.81 5.83 23.76
N MET A 279 -5.89 5.50 22.85
CA MET A 279 -5.28 4.17 22.81
C MET A 279 -4.55 3.84 24.08
N ARG A 280 -3.74 4.76 24.53
CA ARG A 280 -2.96 4.53 25.75
C ARG A 280 -3.88 4.29 26.98
N GLN A 281 -5.03 4.97 27.03
CA GLN A 281 -5.96 4.87 28.18
C GLN A 281 -6.93 3.69 28.11
N ARG A 282 -7.34 3.32 26.90
CA ARG A 282 -8.44 2.39 26.71
C ARG A 282 -8.13 1.01 26.19
N ILE A 283 -6.95 0.80 25.60
CA ILE A 283 -6.58 -0.50 25.01
C ILE A 283 -5.45 -1.09 25.84
N ILE A 284 -5.53 -2.39 26.12
CA ILE A 284 -4.52 -3.10 26.90
C ILE A 284 -3.40 -3.43 25.96
N GLU A 285 -2.16 -3.19 26.43
CA GLU A 285 -0.93 -3.46 25.66
C GLU A 285 -0.79 -2.53 24.47
N GLU A 286 0.36 -2.63 23.79
CA GLU A 286 0.72 -1.80 22.64
C GLU A 286 0.16 -2.34 21.32
N ASN A 287 -0.53 -1.50 20.55
CA ASN A 287 -0.81 -1.81 19.16
C ASN A 287 0.54 -2.01 18.44
N ARG A 288 0.58 -2.93 17.47
CA ARG A 288 1.80 -3.21 16.70
C ARG A 288 1.77 -2.45 15.37
N TYR A 289 0.59 -2.25 14.78
CA TYR A 289 0.55 -1.54 13.50
C TYR A 289 0.06 -0.11 13.62
N LEU A 290 -1.06 0.06 14.35
CA LEU A 290 -1.84 1.29 14.35
C LEU A 290 -1.53 2.22 15.52
N ASP A 291 -0.96 3.39 15.23
CA ASP A 291 -1.00 4.55 16.12
C ASP A 291 -1.82 5.67 15.48
N GLY A 292 -1.93 6.81 16.13
CA GLY A 292 -2.75 7.93 15.64
C GLY A 292 -2.31 8.43 14.27
N LYS A 293 -1.00 8.60 14.10
CA LYS A 293 -0.45 9.05 12.80
C LYS A 293 -0.74 8.06 11.68
N THR A 294 -0.63 6.77 11.99
CA THR A 294 -0.91 5.74 11.03
C THR A 294 -2.37 5.86 10.62
N PHE A 295 -3.30 6.04 11.58
CA PHE A 295 -4.71 6.18 11.22
C PHE A 295 -4.98 7.43 10.33
N VAL A 296 -4.33 8.52 10.66
CA VAL A 296 -4.41 9.75 9.83
C VAL A 296 -3.90 9.50 8.38
N SER A 297 -2.79 8.80 8.23
CA SER A 297 -2.25 8.44 6.90
C SER A 297 -3.22 7.54 6.17
N SER A 298 -3.70 6.52 6.87
CA SER A 298 -4.65 5.58 6.36
C SER A 298 -5.95 6.19 5.74
N SER A 299 -6.49 7.18 6.40
CA SER A 299 -7.72 7.87 5.97
C SER A 299 -7.47 9.07 5.03
N THR A 300 -6.22 9.26 4.62
CA THR A 300 -5.80 10.23 3.59
C THR A 300 -5.52 9.41 2.37
N LEU A 301 -6.57 9.20 1.58
CA LEU A 301 -6.49 8.39 0.39
C LEU A 301 -5.69 9.15 -0.66
N SER A 302 -5.28 8.48 -1.72
CA SER A 302 -4.51 9.21 -2.75
C SER A 302 -5.44 10.06 -3.60
N LYS A 303 -4.86 11.02 -4.33
CA LYS A 303 -5.64 11.90 -5.19
C LYS A 303 -6.70 11.16 -6.00
N ALA A 304 -6.25 10.17 -6.75
CA ALA A 304 -7.14 9.48 -7.67
C ALA A 304 -8.22 8.66 -6.93
N VAL A 305 -7.86 7.97 -5.85
CA VAL A 305 -8.83 7.19 -5.10
C VAL A 305 -9.88 8.09 -4.46
N ARG A 306 -9.43 9.17 -3.81
CA ARG A 306 -10.28 10.14 -3.18
C ARG A 306 -11.31 10.75 -4.18
N ASN A 307 -10.86 11.05 -5.40
CA ASN A 307 -11.74 11.61 -6.44
C ASN A 307 -12.67 10.55 -7.02
N SER A 308 -12.16 9.36 -7.20
CA SER A 308 -12.97 8.23 -7.64
C SER A 308 -14.14 7.94 -6.64
N LEU A 309 -13.81 7.85 -5.36
CA LEU A 309 -14.84 7.63 -4.33
C LEU A 309 -15.93 8.72 -4.33
N ASN A 310 -15.48 9.95 -4.40
CA ASN A 310 -16.35 11.11 -4.40
C ASN A 310 -17.35 11.08 -5.57
N ASN A 311 -16.86 10.73 -6.75
CA ASN A 311 -17.69 10.62 -7.97
C ASN A 311 -18.53 9.34 -8.08
N GLU A 312 -18.41 8.40 -7.14
CA GLU A 312 -19.15 7.13 -7.25
C GLU A 312 -20.65 7.37 -7.18
N THR A 313 -21.41 6.74 -8.07
CA THR A 313 -22.88 6.80 -7.99
C THR A 313 -23.55 5.43 -7.82
N HIS A 314 -22.85 4.32 -8.03
CA HIS A 314 -23.45 3.01 -7.78
C HIS A 314 -23.70 2.78 -6.26
N VAL A 315 -24.83 2.16 -5.97
CA VAL A 315 -25.28 1.85 -4.60
C VAL A 315 -25.76 0.39 -4.59
N TYR A 316 -25.31 -0.38 -3.61
CA TYR A 316 -25.80 -1.75 -3.44
C TYR A 316 -27.23 -1.73 -2.98
N THR A 317 -28.05 -2.53 -3.67
CA THR A 317 -29.49 -2.61 -3.39
C THR A 317 -30.05 -4.03 -3.62
N GLU A 318 -31.32 -4.17 -3.29
CA GLU A 318 -32.10 -5.39 -3.53
C GLU A 318 -32.23 -5.66 -5.03
N LYS B 27 -6.33 -17.27 -21.66
CA LYS B 27 -5.64 -17.08 -20.34
C LYS B 27 -4.73 -18.29 -20.00
N SER B 28 -3.79 -18.60 -20.91
CA SER B 28 -2.81 -19.67 -20.71
C SER B 28 -1.35 -19.22 -20.88
N CYS B 29 -1.10 -17.98 -21.29
CA CYS B 29 0.26 -17.47 -21.33
C CYS B 29 0.43 -16.51 -20.18
N TRP B 30 1.53 -16.65 -19.47
CA TRP B 30 1.76 -15.97 -18.20
C TRP B 30 3.20 -15.54 -18.15
N TYR B 31 3.43 -14.35 -17.62
CA TYR B 31 4.74 -13.89 -17.17
C TYR B 31 4.77 -14.13 -15.67
N GLU B 32 5.87 -14.69 -15.19
CA GLU B 32 6.04 -15.03 -13.78
C GLU B 32 7.24 -14.31 -13.22
N GLU B 33 7.10 -13.81 -12.02
CA GLU B 33 8.24 -13.22 -11.33
C GLU B 33 8.24 -13.68 -9.89
N GLU B 34 9.41 -14.17 -9.45
CA GLU B 34 9.63 -14.59 -8.08
C GLU B 34 10.02 -13.35 -7.31
N ILE B 35 9.06 -12.80 -6.61
CA ILE B 35 9.28 -11.62 -5.79
C ILE B 35 10.22 -11.97 -4.64
N GLU B 36 9.97 -13.11 -4.00
CA GLU B 36 10.89 -13.68 -3.03
C GLU B 36 11.10 -15.13 -3.44
N GLU B 37 12.01 -15.84 -2.78
CA GLU B 37 12.15 -17.29 -3.12
C GLU B 37 10.90 -18.19 -2.86
N ASN B 38 9.88 -17.64 -2.17
N ASN B 38 9.88 -17.63 -2.16
CA ASN B 38 8.66 -18.36 -1.80
CA ASN B 38 8.67 -18.33 -1.74
C ASN B 38 7.38 -17.57 -2.12
C ASN B 38 7.38 -17.58 -2.12
N LEU B 39 7.46 -16.69 -3.10
CA LEU B 39 6.32 -15.87 -3.51
C LEU B 39 6.43 -15.53 -4.97
N ARG B 40 5.45 -15.96 -5.75
CA ARG B 40 5.37 -15.66 -7.17
C ARG B 40 4.11 -14.93 -7.49
N TRP B 41 4.26 -14.05 -8.49
CA TRP B 41 3.26 -13.14 -8.97
C TRP B 41 3.26 -13.53 -10.45
N CYS B 42 2.08 -13.75 -11.02
CA CYS B 42 1.92 -14.08 -12.45
C CYS B 42 0.90 -13.17 -13.13
N PHE B 43 1.29 -12.67 -14.30
CA PHE B 43 0.49 -11.74 -15.08
C PHE B 43 0.11 -12.41 -16.41
N ALA B 44 -1.19 -12.48 -16.75
CA ALA B 44 -1.57 -13.00 -18.07
C ALA B 44 -0.90 -12.16 -19.19
N LEU B 45 -0.30 -12.82 -20.18
CA LEU B 45 0.34 -12.13 -21.31
C LEU B 45 -0.54 -12.02 -22.55
N ASN B 46 -0.50 -10.87 -23.22
CA ASN B 46 -1.00 -10.74 -24.63
C ASN B 46 0.10 -11.09 -25.62
N SER B 47 1.30 -10.57 -25.41
CA SER B 47 2.40 -10.81 -26.31
C SER B 47 3.74 -10.56 -25.64
N ILE B 48 4.78 -11.06 -26.29
CA ILE B 48 6.13 -10.80 -25.96
C ILE B 48 6.61 -9.92 -27.12
N LEU B 49 6.67 -8.62 -26.91
CA LEU B 49 7.01 -7.68 -27.99
C LEU B 49 8.50 -7.72 -28.34
N HIS B 50 9.36 -7.77 -27.35
CA HIS B 50 10.81 -7.91 -27.59
C HIS B 50 11.45 -8.67 -26.45
N THR B 51 12.46 -9.47 -26.76
CA THR B 51 13.38 -9.99 -25.75
C THR B 51 14.78 -9.90 -26.32
N GLY B 52 15.73 -9.60 -25.43
CA GLY B 52 17.12 -9.51 -25.82
C GLY B 52 17.98 -9.14 -24.65
N ALA B 53 19.20 -8.67 -24.95
CA ALA B 53 20.17 -8.25 -23.94
C ALA B 53 21.24 -7.33 -24.51
N SER B 54 21.69 -6.40 -23.68
CA SER B 54 23.05 -5.85 -23.74
C SER B 54 23.97 -6.73 -22.90
N GLN B 55 25.25 -6.38 -22.77
CA GLN B 55 26.12 -7.10 -21.82
C GLN B 55 25.80 -6.74 -20.36
N TYR B 56 25.00 -5.69 -20.13
CA TYR B 56 24.61 -5.32 -18.76
C TYR B 56 23.42 -6.10 -18.28
N GLN B 57 22.41 -6.28 -19.15
CA GLN B 57 21.18 -6.86 -18.71
C GLN B 57 20.37 -7.33 -19.88
N ASP B 58 19.52 -8.31 -19.60
CA ASP B 58 18.43 -8.67 -20.48
C ASP B 58 17.39 -7.59 -20.47
N ILE B 59 16.73 -7.47 -21.60
CA ILE B 59 15.76 -6.44 -21.85
C ILE B 59 14.56 -7.05 -22.57
N ALA B 60 13.40 -6.95 -21.95
CA ALA B 60 12.22 -7.50 -22.54
C ALA B 60 11.08 -6.52 -22.41
N LEU B 61 10.20 -6.50 -23.41
CA LEU B 61 8.95 -5.74 -23.33
C LEU B 61 7.78 -6.72 -23.56
N LEU B 62 6.95 -6.87 -22.54
CA LEU B 62 5.82 -7.80 -22.56
C LEU B 62 4.54 -6.99 -22.65
N ASP B 63 3.54 -7.47 -23.36
CA ASP B 63 2.27 -6.79 -23.34
C ASP B 63 1.42 -7.63 -22.42
N THR B 64 1.16 -7.11 -21.22
CA THR B 64 0.44 -7.84 -20.19
C THR B 64 -0.98 -7.38 -20.14
N LYS B 65 -1.82 -8.27 -19.67
CA LYS B 65 -3.22 -7.95 -19.53
C LYS B 65 -3.43 -7.06 -18.37
N PRO B 66 -2.96 -7.43 -17.17
CA PRO B 66 -3.27 -6.49 -16.10
C PRO B 66 -2.57 -5.13 -16.16
N PHE B 67 -1.37 -5.04 -16.71
CA PHE B 67 -0.62 -3.81 -16.56
C PHE B 67 -0.16 -3.15 -17.83
N GLY B 68 -0.68 -3.61 -18.98
CA GLY B 68 -0.19 -3.14 -20.29
C GLY B 68 1.26 -3.53 -20.58
N LYS B 69 1.92 -2.74 -21.39
CA LYS B 69 3.32 -2.99 -21.76
C LYS B 69 4.21 -2.83 -20.53
N ALA B 70 5.01 -3.84 -20.30
CA ALA B 70 5.85 -3.87 -19.14
C ALA B 70 7.27 -4.09 -19.60
N LEU B 71 8.15 -3.20 -19.11
CA LEU B 71 9.58 -3.30 -19.38
C LEU B 71 10.20 -4.16 -18.28
N VAL B 72 10.88 -5.24 -18.68
CA VAL B 72 11.44 -6.19 -17.77
C VAL B 72 12.94 -6.21 -18.00
N LEU B 73 13.70 -5.87 -16.96
CA LEU B 73 15.15 -5.78 -17.10
C LEU B 73 15.74 -6.80 -16.16
N ASP B 74 16.61 -7.66 -16.67
CA ASP B 74 17.15 -8.86 -15.96
C ASP B 74 16.09 -9.72 -15.27
N GLY B 75 14.98 -9.97 -15.97
CA GLY B 75 13.88 -10.71 -15.40
C GLY B 75 13.14 -10.02 -14.26
N LYS B 76 13.33 -8.70 -14.07
CA LYS B 76 12.56 -7.90 -13.08
C LYS B 76 11.79 -6.79 -13.76
N LEU B 77 10.51 -6.72 -13.44
CA LEU B 77 9.66 -5.73 -14.07
C LEU B 77 10.06 -4.43 -13.47
N GLN B 78 10.41 -3.46 -14.33
CA GLN B 78 10.86 -2.13 -13.88
C GLN B 78 9.85 -0.99 -14.21
N SER B 79 8.98 -1.16 -15.20
CA SER B 79 8.03 -0.12 -15.57
C SER B 79 6.84 -0.80 -16.22
N ALA B 80 5.62 -0.53 -15.72
CA ALA B 80 4.43 -1.03 -16.37
C ALA B 80 3.59 0.14 -16.77
N GLU B 81 3.11 0.05 -18.00
CA GLU B 81 2.34 1.11 -18.61
C GLU B 81 1.20 1.66 -17.72
N THR B 82 0.45 0.80 -17.08
CA THR B 82 -0.70 1.29 -16.32
C THR B 82 -0.38 2.02 -15.02
N ASP B 83 0.76 1.77 -14.39
CA ASP B 83 1.08 2.41 -13.10
C ASP B 83 2.46 2.99 -12.94
N GLU B 84 3.29 2.99 -13.98
CA GLU B 84 4.57 3.66 -13.87
C GLU B 84 4.42 5.12 -13.46
N PHE B 85 3.32 5.75 -13.83
CA PHE B 85 3.08 7.12 -13.36
C PHE B 85 3.21 7.33 -11.85
N ILE B 86 2.77 6.35 -11.09
CA ILE B 86 2.86 6.39 -9.64
C ILE B 86 4.33 6.47 -9.23
N TYR B 87 5.14 5.52 -9.70
CA TYR B 87 6.52 5.47 -9.36
C TYR B 87 7.21 6.80 -9.76
N HIS B 88 7.02 7.20 -11.00
CA HIS B 88 7.76 8.38 -11.49
C HIS B 88 7.27 9.70 -10.93
N GLU B 89 5.97 9.81 -10.64
CA GLU B 89 5.46 10.98 -9.93
C GLU B 89 6.02 11.05 -8.54
N CYS B 90 6.04 9.90 -7.83
CA CYS B 90 6.60 9.86 -6.48
C CYS B 90 8.09 10.09 -6.42
N LEU B 91 8.81 9.57 -7.41
CA LEU B 91 10.25 9.77 -7.51
C LEU B 91 10.67 11.24 -7.72
N VAL B 92 9.92 11.94 -8.57
CA VAL B 92 10.34 13.23 -9.09
C VAL B 92 9.71 14.39 -8.37
N HIS B 93 8.40 14.40 -8.20
CA HIS B 93 7.76 15.70 -7.87
C HIS B 93 8.08 16.20 -6.44
N PRO B 94 8.14 15.31 -5.45
CA PRO B 94 8.39 15.82 -4.08
C PRO B 94 9.73 16.57 -3.97
N ALA B 95 10.77 16.01 -4.56
CA ALA B 95 12.05 16.67 -4.60
C ALA B 95 12.01 18.06 -5.24
N LEU B 96 11.44 18.18 -6.42
CA LEU B 96 11.48 19.46 -7.11
C LEU B 96 10.58 20.50 -6.44
N LEU B 97 9.47 20.04 -5.90
CA LEU B 97 8.52 20.89 -5.28
C LEU B 97 9.05 21.53 -4.00
N HIS B 98 9.83 20.76 -3.26
CA HIS B 98 10.53 21.23 -2.07
C HIS B 98 11.65 22.19 -2.38
N HIS B 99 12.13 22.21 -3.62
CA HIS B 99 13.21 23.15 -4.02
C HIS B 99 12.61 24.51 -4.35
N PRO B 100 13.25 25.61 -3.92
CA PRO B 100 12.71 26.93 -4.30
C PRO B 100 12.67 27.20 -5.81
N MET B 101 13.67 26.69 -6.52
CA MET B 101 13.88 27.02 -7.89
C MET B 101 14.82 26.02 -8.51
N PRO B 102 14.30 24.83 -8.85
CA PRO B 102 15.20 23.84 -9.43
C PRO B 102 15.35 24.07 -10.93
N LYS B 103 16.57 24.28 -11.39
CA LYS B 103 16.83 24.60 -12.79
C LYS B 103 17.59 23.52 -13.55
N ASN B 104 18.54 22.85 -12.90
CA ASN B 104 19.39 21.79 -13.48
C ASN B 104 19.26 20.50 -12.64
N VAL B 105 19.02 19.37 -13.29
N VAL B 105 19.05 19.38 -13.30
CA VAL B 105 18.89 18.08 -12.60
CA VAL B 105 18.87 18.08 -12.62
C VAL B 105 19.71 17.00 -13.32
C VAL B 105 19.71 17.00 -13.32
N PHE B 106 20.26 16.08 -12.52
CA PHE B 106 21.04 14.95 -13.01
C PHE B 106 20.29 13.70 -12.56
N ILE B 107 20.09 12.77 -13.48
CA ILE B 107 19.46 11.51 -13.16
C ILE B 107 20.49 10.44 -13.20
N MET B 108 20.65 9.73 -12.07
CA MET B 108 21.43 8.49 -12.08
C MET B 108 20.57 7.30 -12.56
N GLY B 109 20.86 6.83 -13.76
CA GLY B 109 20.03 5.82 -14.46
C GLY B 109 19.03 6.52 -15.35
N GLY B 110 17.78 6.12 -15.28
CA GLY B 110 16.69 6.79 -16.05
C GLY B 110 16.55 6.54 -17.53
N GLY B 111 17.23 5.52 -18.02
CA GLY B 111 17.21 5.20 -19.45
C GLY B 111 15.81 4.91 -19.99
N GLU B 112 14.89 4.49 -19.13
CA GLU B 112 13.51 4.21 -19.52
C GLU B 112 12.75 5.50 -19.92
N GLY B 113 13.19 6.66 -19.43
CA GLY B 113 12.69 7.98 -19.92
C GLY B 113 11.57 8.67 -19.15
N SER B 114 10.90 7.93 -18.26
CA SER B 114 9.78 8.44 -17.51
C SER B 114 10.17 9.40 -16.43
N THR B 115 11.33 9.18 -15.81
CA THR B 115 11.84 10.13 -14.85
C THR B 115 12.09 11.47 -15.52
N ALA B 116 12.74 11.43 -16.68
CA ALA B 116 12.95 12.64 -17.50
C ALA B 116 11.65 13.30 -17.90
N ARG B 117 10.68 12.49 -18.31
CA ARG B 117 9.37 12.97 -18.63
C ARG B 117 8.78 13.79 -17.50
N GLU B 118 8.75 13.26 -16.28
CA GLU B 118 8.11 14.00 -15.21
C GLU B 118 8.95 15.22 -14.80
N LEU B 119 10.29 15.14 -14.87
CA LEU B 119 11.13 16.33 -14.66
C LEU B 119 10.79 17.45 -15.64
N LEU B 120 10.58 17.08 -16.90
CA LEU B 120 10.37 18.05 -17.97
C LEU B 120 9.01 18.71 -17.97
N ARG B 121 8.09 18.16 -17.18
CA ARG B 121 6.85 18.84 -16.88
C ARG B 121 7.03 20.05 -15.99
N HIS B 122 8.15 20.16 -15.32
CA HIS B 122 8.41 21.35 -14.57
C HIS B 122 8.90 22.51 -15.45
N LYS B 123 8.14 23.60 -15.40
CA LYS B 123 8.47 24.83 -16.10
C LYS B 123 9.79 25.46 -15.62
N THR B 124 10.17 25.24 -14.35
CA THR B 124 11.39 25.84 -13.81
C THR B 124 12.68 25.22 -14.41
N ILE B 125 12.59 23.98 -14.88
CA ILE B 125 13.73 23.25 -15.36
C ILE B 125 14.26 23.78 -16.68
N ASP B 126 15.56 23.99 -16.74
CA ASP B 126 16.30 24.41 -17.95
C ASP B 126 17.14 23.27 -18.51
N LYS B 127 17.67 22.37 -17.66
CA LYS B 127 18.45 21.24 -18.16
C LYS B 127 18.28 19.98 -17.32
N VAL B 128 18.03 18.88 -18.01
CA VAL B 128 18.09 17.56 -17.43
C VAL B 128 19.20 16.74 -18.09
N VAL B 129 20.10 16.21 -17.27
CA VAL B 129 21.05 15.19 -17.68
C VAL B 129 20.55 13.80 -17.25
N MET B 130 20.29 12.93 -18.22
CA MET B 130 19.96 11.51 -17.98
C MET B 130 21.26 10.71 -18.20
N CYS B 131 21.81 10.17 -17.11
CA CYS B 131 23.08 9.41 -17.15
C CYS B 131 22.84 7.93 -16.87
N ASP B 132 22.65 7.18 -17.95
CA ASP B 132 22.45 5.72 -17.89
C ASP B 132 23.65 4.99 -18.48
N ILE B 133 24.01 3.91 -17.81
CA ILE B 133 25.16 3.12 -18.16
C ILE B 133 24.93 2.30 -19.42
N ASP B 134 23.68 2.06 -19.77
CA ASP B 134 23.34 1.11 -20.81
C ASP B 134 22.63 1.82 -21.96
N GLU B 135 23.39 2.06 -23.02
CA GLU B 135 22.84 2.69 -24.22
C GLU B 135 21.67 1.93 -24.83
N GLU B 136 21.63 0.59 -24.68
CA GLU B 136 20.56 -0.21 -25.31
C GLU B 136 19.21 -0.01 -24.60
N VAL B 137 19.23 0.22 -23.27
CA VAL B 137 18.00 0.54 -22.55
C VAL B 137 17.45 1.87 -23.08
N VAL B 138 18.34 2.86 -23.20
CA VAL B 138 17.96 4.18 -23.66
C VAL B 138 17.33 4.10 -25.05
N GLU B 139 18.03 3.44 -25.98
CA GLU B 139 17.65 3.37 -27.38
C GLU B 139 16.40 2.52 -27.54
N PHE B 140 16.31 1.47 -26.76
CA PHE B 140 15.13 0.65 -26.77
C PHE B 140 13.90 1.41 -26.27
N CYS B 141 14.05 2.11 -25.17
CA CYS B 141 12.90 2.80 -24.58
C CYS B 141 12.50 4.01 -25.41
N LYS B 142 13.49 4.64 -26.03
CA LYS B 142 13.26 5.77 -26.88
C LYS B 142 12.46 5.35 -28.09
N SER B 143 12.66 4.13 -28.56
CA SER B 143 11.87 3.63 -29.65
C SER B 143 10.50 3.04 -29.28
N TYR B 144 10.42 2.38 -28.16
CA TYR B 144 9.28 1.51 -27.82
C TYR B 144 8.35 2.05 -26.76
N LEU B 145 8.80 2.96 -25.92
CA LEU B 145 7.97 3.53 -24.84
C LEU B 145 7.56 4.94 -25.27
N VAL B 146 6.47 4.95 -26.03
CA VAL B 146 5.96 6.13 -26.76
C VAL B 146 5.55 7.23 -25.84
N VAL B 147 5.15 6.87 -24.63
CA VAL B 147 4.82 7.82 -23.59
C VAL B 147 5.96 8.84 -23.34
N ASN B 148 7.20 8.44 -23.63
CA ASN B 148 8.36 9.25 -23.38
C ASN B 148 8.95 9.91 -24.62
N LYS B 149 8.26 9.85 -25.76
CA LYS B 149 8.85 10.33 -27.01
C LYS B 149 9.18 11.84 -26.96
N GLU B 150 8.20 12.65 -26.53
N GLU B 150 8.20 12.63 -26.54
CA GLU B 150 8.41 14.10 -26.38
CA GLU B 150 8.36 14.08 -26.36
C GLU B 150 9.55 14.44 -25.42
C GLU B 150 9.54 14.42 -25.44
N ALA B 151 9.56 13.77 -24.27
CA ALA B 151 10.64 13.89 -23.28
C ALA B 151 12.02 13.67 -23.86
N PHE B 152 12.20 12.54 -24.54
CA PHE B 152 13.42 12.22 -25.27
C PHE B 152 13.81 13.23 -26.33
N HIS B 153 12.83 13.90 -26.91
CA HIS B 153 13.10 14.88 -27.94
C HIS B 153 13.18 16.34 -27.42
N ASP B 154 13.08 16.56 -26.10
CA ASP B 154 13.01 17.93 -25.54
C ASP B 154 14.41 18.55 -25.59
N SER B 155 14.53 19.82 -25.97
CA SER B 155 15.86 20.43 -26.13
C SER B 155 16.58 20.57 -24.82
N ARG B 156 15.83 20.49 -23.71
CA ARG B 156 16.41 20.60 -22.40
C ARG B 156 17.10 19.31 -21.91
N LEU B 157 16.88 18.18 -22.60
CA LEU B 157 17.41 16.89 -22.16
C LEU B 157 18.77 16.60 -22.76
N GLU B 158 19.74 16.23 -21.94
CA GLU B 158 21.00 15.67 -22.42
C GLU B 158 21.13 14.25 -21.96
N VAL B 159 21.40 13.35 -22.89
CA VAL B 159 21.60 11.93 -22.60
C VAL B 159 23.09 11.67 -22.56
N VAL B 160 23.57 11.15 -21.44
CA VAL B 160 24.95 10.72 -21.31
C VAL B 160 24.95 9.22 -21.04
N ILE B 161 25.83 8.51 -21.75
CA ILE B 161 25.96 7.08 -21.56
C ILE B 161 27.18 6.82 -20.72
N ASN B 162 26.97 6.57 -19.44
CA ASN B 162 28.09 6.33 -18.52
C ASN B 162 27.56 5.79 -17.19
N ASP B 163 28.48 5.22 -16.43
CA ASP B 163 28.32 4.99 -15.00
C ASP B 163 28.13 6.36 -14.38
N ALA B 164 27.06 6.51 -13.59
CA ALA B 164 26.72 7.80 -12.99
C ALA B 164 27.76 8.28 -12.01
N LYS B 165 28.38 7.34 -11.33
CA LYS B 165 29.40 7.65 -10.38
C LYS B 165 30.64 8.25 -11.07
N ALA B 166 31.12 7.57 -12.11
CA ALA B 166 32.23 8.07 -12.92
C ALA B 166 31.89 9.43 -13.55
N GLU B 167 30.65 9.60 -13.98
CA GLU B 167 30.27 10.85 -14.61
C GLU B 167 30.29 12.04 -13.64
N LEU B 168 29.66 11.85 -12.48
CA LEU B 168 29.66 12.86 -11.43
C LEU B 168 31.03 13.19 -10.92
N GLU B 169 31.87 12.18 -10.75
CA GLU B 169 33.24 12.42 -10.36
C GLU B 169 34.03 13.21 -11.37
N GLY B 170 33.78 13.00 -12.65
CA GLY B 170 34.67 13.55 -13.65
C GLY B 170 34.25 14.89 -14.20
N LYS B 171 33.12 15.40 -13.75
CA LYS B 171 32.59 16.66 -14.21
C LYS B 171 32.35 17.57 -13.01
N GLU B 172 32.74 18.85 -13.17
CA GLU B 172 32.52 19.86 -12.14
C GLU B 172 31.13 20.45 -12.04
N GLU B 173 30.22 20.13 -12.96
CA GLU B 173 28.92 20.74 -12.92
C GLU B 173 28.17 20.31 -11.65
N LYS B 174 27.42 21.24 -11.06
CA LYS B 174 26.64 20.99 -9.87
C LYS B 174 25.18 21.13 -10.23
N TYR B 175 24.33 20.50 -9.44
CA TYR B 175 22.89 20.37 -9.76
C TYR B 175 22.02 20.81 -8.58
N ASP B 176 20.81 21.30 -8.88
CA ASP B 176 19.86 21.65 -7.87
C ASP B 176 19.22 20.38 -7.33
N VAL B 177 19.03 19.39 -8.17
CA VAL B 177 18.48 18.11 -7.73
C VAL B 177 19.23 16.97 -8.40
N ILE B 178 19.51 15.94 -7.65
CA ILE B 178 20.00 14.68 -8.25
C ILE B 178 19.06 13.57 -7.90
N VAL B 179 18.71 12.78 -8.91
CA VAL B 179 17.68 11.77 -8.82
C VAL B 179 18.31 10.37 -9.02
N GLY B 180 18.18 9.52 -8.01
CA GLY B 180 18.66 8.18 -8.11
C GLY B 180 17.55 7.30 -8.63
N ASP B 181 17.68 6.83 -9.87
CA ASP B 181 16.67 5.94 -10.50
C ASP B 181 17.36 4.65 -10.94
N LEU B 182 18.04 4.09 -9.97
CA LEU B 182 18.83 2.88 -10.13
C LEU B 182 18.11 1.69 -9.54
N ALA B 183 18.64 0.51 -9.86
CA ALA B 183 18.13 -0.75 -9.28
C ALA B 183 18.52 -0.80 -7.77
N ASP B 184 17.92 -1.71 -7.05
CA ASP B 184 18.18 -1.81 -5.62
C ASP B 184 19.66 -2.16 -5.36
N PRO B 185 20.25 -1.67 -4.26
CA PRO B 185 21.64 -2.02 -3.94
C PRO B 185 21.78 -3.47 -3.46
N ILE B 186 22.73 -4.16 -4.06
CA ILE B 186 23.20 -5.46 -3.54
C ILE B 186 24.71 -5.43 -3.81
N GLU B 187 25.48 -6.22 -3.07
CA GLU B 187 26.83 -6.74 -3.42
C GLU B 187 27.08 -7.04 -4.93
N GLY B 188 28.06 -6.37 -5.55
CA GLY B 188 28.56 -6.81 -6.86
C GLY B 188 27.78 -6.40 -8.10
N GLY B 189 26.55 -5.88 -7.94
CA GLY B 189 25.82 -5.37 -9.08
C GLY B 189 26.42 -4.03 -9.43
N PRO B 190 26.10 -3.49 -10.60
CA PRO B 190 26.59 -2.17 -10.98
C PRO B 190 26.03 -0.98 -10.18
N CYS B 191 25.04 -1.19 -9.30
CA CYS B 191 24.40 -0.07 -8.61
C CYS B 191 24.82 0.11 -7.14
N TYR B 192 25.39 -0.92 -6.51
CA TYR B 192 25.72 -0.89 -5.09
C TYR B 192 26.51 0.32 -4.62
N LYS B 193 27.52 0.68 -5.40
CA LYS B 193 28.45 1.71 -4.96
C LYS B 193 27.79 3.09 -5.03
N LEU B 194 26.61 3.18 -5.62
CA LEU B 194 25.90 4.44 -5.66
C LEU B 194 24.89 4.59 -4.53
N TYR B 195 24.99 3.74 -3.51
CA TYR B 195 24.16 3.82 -2.32
C TYR B 195 25.00 3.90 -1.03
N THR B 196 26.32 4.05 -1.15
CA THR B 196 27.17 3.93 0.02
C THR B 196 27.26 5.28 0.71
N LYS B 197 27.59 5.27 2.01
CA LYS B 197 27.93 6.50 2.72
C LYS B 197 29.03 7.33 2.02
N ASP B 198 30.11 6.66 1.61
CA ASP B 198 31.24 7.33 0.98
C ASP B 198 30.85 7.97 -0.32
N PHE B 199 30.09 7.24 -1.14
CA PHE B 199 29.50 7.85 -2.34
C PHE B 199 28.71 9.17 -2.11
N TYR B 200 27.69 9.10 -1.28
CA TYR B 200 26.88 10.26 -1.00
C TYR B 200 27.69 11.46 -0.50
N GLU B 201 28.70 11.18 0.34
CA GLU B 201 29.49 12.21 0.99
C GLU B 201 30.58 12.74 0.09
N LEU B 202 31.33 11.86 -0.52
CA LEU B 202 32.49 12.29 -1.27
C LEU B 202 32.16 12.61 -2.73
N THR B 203 31.08 12.07 -3.28
CA THR B 203 30.85 12.20 -4.73
C THR B 203 29.59 13.02 -5.05
N LEU B 204 28.50 12.69 -4.38
CA LEU B 204 27.22 13.25 -4.71
C LEU B 204 27.06 14.65 -4.06
N LYS B 205 27.30 14.76 -2.77
CA LYS B 205 27.05 16.02 -2.06
C LYS B 205 27.85 17.19 -2.61
N PRO B 206 29.13 16.98 -2.95
CA PRO B 206 29.88 18.07 -3.59
C PRO B 206 29.32 18.53 -4.92
N LYS B 207 28.44 17.73 -5.56
CA LYS B 207 27.85 18.14 -6.84
C LYS B 207 26.41 18.59 -6.72
N LEU B 208 25.95 18.80 -5.48
CA LEU B 208 24.72 19.52 -5.22
C LEU B 208 24.99 21.01 -5.02
N LYS B 209 24.24 21.86 -5.71
CA LYS B 209 24.24 23.29 -5.41
C LYS B 209 23.73 23.60 -3.97
N LYS B 210 23.92 24.85 -3.56
CA LYS B 210 23.35 25.37 -2.31
C LYS B 210 21.86 25.10 -2.39
N GLY B 211 21.29 24.51 -1.34
CA GLY B 211 19.86 24.18 -1.32
C GLY B 211 19.48 22.92 -2.10
N GLY B 212 20.49 22.16 -2.52
CA GLY B 212 20.28 21.04 -3.39
C GLY B 212 19.54 19.93 -2.68
N ILE B 213 18.77 19.15 -3.44
CA ILE B 213 18.01 18.03 -2.87
C ILE B 213 18.38 16.77 -3.61
N PHE B 214 18.62 15.69 -2.88
CA PHE B 214 18.82 14.36 -3.44
C PHE B 214 17.55 13.54 -3.21
N VAL B 215 17.15 12.79 -4.20
CA VAL B 215 16.10 11.78 -4.00
C VAL B 215 16.56 10.50 -4.63
N THR B 216 16.36 9.38 -3.94
CA THR B 216 16.58 8.07 -4.55
C THR B 216 15.39 7.16 -4.36
N GLN B 217 15.15 6.33 -5.36
CA GLN B 217 14.29 5.18 -5.15
C GLN B 217 14.95 4.35 -4.05
N ALA B 218 14.14 3.67 -3.26
CA ALA B 218 14.70 2.90 -2.11
C ALA B 218 14.12 1.51 -1.83
N GLY B 219 13.61 0.84 -2.85
CA GLY B 219 13.33 -0.53 -2.83
C GLY B 219 11.98 -0.79 -2.17
N PRO B 220 11.71 -2.06 -1.87
CA PRO B 220 10.40 -2.40 -1.24
C PRO B 220 10.18 -1.71 0.11
N ALA B 221 8.96 -1.32 0.42
CA ALA B 221 8.71 -0.63 1.71
C ALA B 221 7.47 -1.17 2.41
N GLY B 222 7.23 -2.45 2.23
CA GLY B 222 6.21 -3.15 2.96
C GLY B 222 6.53 -3.33 4.43
N ILE B 223 5.51 -3.75 5.14
CA ILE B 223 5.62 -3.95 6.59
C ILE B 223 6.83 -4.78 6.99
N PHE B 224 7.09 -5.87 6.27
CA PHE B 224 8.29 -6.71 6.47
C PHE B 224 9.34 -6.49 5.42
N SER B 225 8.93 -6.26 4.16
CA SER B 225 9.94 -6.15 3.08
C SER B 225 10.80 -4.90 3.17
N HIS B 226 10.35 -3.87 3.89
CA HIS B 226 11.16 -2.62 4.06
C HIS B 226 12.54 -2.80 4.70
N THR B 227 12.76 -3.90 5.42
CA THR B 227 14.05 -4.15 6.07
C THR B 227 15.17 -4.56 5.09
N GLU B 228 14.82 -4.94 3.86
CA GLU B 228 15.83 -5.40 2.92
C GLU B 228 16.78 -4.26 2.54
N VAL B 229 16.22 -3.20 2.02
CA VAL B 229 17.04 -2.07 1.55
C VAL B 229 16.50 -0.71 1.99
N PHE B 230 15.18 -0.55 2.03
CA PHE B 230 14.55 0.75 2.36
C PHE B 230 15.06 1.30 3.69
N SER B 231 15.07 0.46 4.72
CA SER B 231 15.60 0.95 6.01
C SER B 231 17.10 1.29 5.99
N CYS B 232 17.87 0.53 5.21
CA CYS B 232 19.30 0.75 5.13
C CYS B 232 19.62 2.00 4.33
N ILE B 233 18.90 2.23 3.23
CA ILE B 233 19.11 3.47 2.43
C ILE B 233 18.83 4.70 3.27
N TYR B 234 17.69 4.66 3.98
CA TYR B 234 17.28 5.73 4.88
C TYR B 234 18.37 6.00 5.89
N ASN B 235 18.83 4.94 6.58
CA ASN B 235 19.85 5.10 7.61
C ASN B 235 21.17 5.57 7.02
N THR B 236 21.52 5.14 5.82
CA THR B 236 22.76 5.60 5.18
C THR B 236 22.73 7.08 4.87
N LEU B 237 21.64 7.52 4.29
CA LEU B 237 21.44 8.91 4.01
C LEU B 237 21.43 9.78 5.29
N ARG B 238 20.88 9.21 6.36
CA ARG B 238 20.79 9.86 7.65
C ARG B 238 22.19 10.17 8.21
N GLN B 239 23.21 9.40 7.81
CA GLN B 239 24.61 9.66 8.18
C GLN B 239 25.27 10.77 7.35
N VAL B 240 24.63 11.22 6.28
CA VAL B 240 25.27 12.22 5.40
C VAL B 240 24.55 13.57 5.35
N PHE B 241 23.23 13.53 5.35
CA PHE B 241 22.41 14.72 5.21
C PHE B 241 21.64 15.01 6.47
N LYS B 242 21.44 16.30 6.72
CA LYS B 242 20.76 16.77 7.89
C LYS B 242 19.29 16.41 7.90
N TYR B 243 18.62 16.55 6.75
CA TYR B 243 17.19 16.32 6.64
C TYR B 243 16.92 15.17 5.67
N VAL B 244 16.21 14.13 6.13
CA VAL B 244 16.04 12.94 5.33
C VAL B 244 14.60 12.51 5.52
N VAL B 245 13.84 12.44 4.45
CA VAL B 245 12.40 12.17 4.52
C VAL B 245 12.10 10.93 3.69
N PRO B 246 11.81 9.81 4.37
CA PRO B 246 11.48 8.59 3.64
C PRO B 246 9.98 8.60 3.36
N TYR B 247 9.55 8.00 2.27
CA TYR B 247 8.13 7.96 1.95
C TYR B 247 7.84 6.81 1.02
N SER B 248 6.55 6.48 0.86
CA SER B 248 6.20 5.24 0.16
C SER B 248 4.77 5.25 -0.40
N ALA B 249 4.55 4.40 -1.40
CA ALA B 249 3.27 4.26 -2.05
C ALA B 249 3.21 2.89 -2.66
N HIS B 250 1.99 2.37 -2.73
CA HIS B 250 1.74 1.14 -3.38
C HIS B 250 1.93 1.26 -4.91
N ILE B 251 2.64 0.30 -5.47
CA ILE B 251 2.74 0.11 -6.91
C ILE B 251 2.27 -1.29 -7.29
N PRO B 252 1.00 -1.42 -7.75
CA PRO B 252 0.47 -2.75 -8.03
C PRO B 252 1.35 -3.65 -8.88
N SER B 253 1.95 -3.15 -9.94
CA SER B 253 2.74 -3.98 -10.82
C SER B 253 4.06 -4.43 -10.16
N TYR B 254 4.47 -3.79 -9.06
CA TYR B 254 5.64 -4.23 -8.27
C TYR B 254 5.21 -5.17 -7.14
N ALA B 255 3.91 -5.36 -6.98
CA ALA B 255 3.30 -6.15 -5.97
C ALA B 255 3.73 -5.81 -4.55
N ASP B 256 3.96 -4.54 -4.26
CA ASP B 256 4.35 -4.16 -2.90
C ASP B 256 4.22 -2.68 -2.78
N ILE B 257 4.37 -2.21 -1.55
CA ILE B 257 4.62 -0.81 -1.26
C ILE B 257 6.05 -0.54 -1.69
N TRP B 258 6.31 0.59 -2.35
CA TRP B 258 7.68 0.93 -2.77
C TRP B 258 8.10 2.18 -2.01
N GLY B 259 9.37 2.40 -1.87
CA GLY B 259 9.88 3.51 -1.10
C GLY B 259 10.83 4.44 -1.90
N TRP B 260 10.92 5.67 -1.44
CA TRP B 260 11.83 6.71 -1.91
C TRP B 260 12.33 7.46 -0.69
N VAL B 261 13.50 8.09 -0.81
CA VAL B 261 14.02 8.87 0.28
C VAL B 261 14.48 10.22 -0.30
N LEU B 262 13.98 11.30 0.31
CA LEU B 262 14.50 12.65 0.06
C LEU B 262 15.61 12.95 1.04
N ALA B 263 16.63 13.67 0.60
CA ALA B 263 17.68 14.10 1.51
C ALA B 263 18.21 15.48 1.10
N SER B 264 18.53 16.28 2.10
CA SER B 264 19.00 17.66 1.83
C SER B 264 19.67 18.21 3.09
N ASP B 265 20.56 19.19 2.89
CA ASP B 265 21.04 19.99 3.99
C ASP B 265 20.15 21.21 4.32
N SER B 266 19.11 21.43 3.51
CA SER B 266 18.08 22.43 3.79
C SER B 266 16.78 21.76 4.17
N PRO B 267 15.96 22.40 5.01
CA PRO B 267 14.76 21.68 5.48
C PRO B 267 13.83 21.20 4.35
N LEU B 268 13.08 20.16 4.65
CA LEU B 268 12.14 19.55 3.73
C LEU B 268 10.82 19.49 4.49
N ASP B 269 10.12 20.62 4.58
CA ASP B 269 8.90 20.69 5.38
C ASP B 269 7.99 21.69 4.73
N LEU B 270 7.14 21.17 3.84
CA LEU B 270 6.04 21.91 3.26
C LEU B 270 4.69 21.24 3.61
N SER B 271 3.64 22.03 3.72
CA SER B 271 2.31 21.48 4.00
C SER B 271 1.72 20.92 2.70
N ALA B 272 0.66 20.13 2.80
CA ALA B 272 -0.06 19.69 1.61
C ALA B 272 -0.51 20.87 0.70
N GLU B 273 -0.95 21.98 1.31
CA GLU B 273 -1.44 23.13 0.56
C GLU B 273 -0.31 23.85 -0.17
N GLU B 274 0.82 24.08 0.51
CA GLU B 274 2.01 24.70 -0.09
C GLU B 274 2.44 23.90 -1.33
N LEU B 275 2.35 22.58 -1.21
CA LEU B 275 2.75 21.67 -2.27
C LEU B 275 1.82 21.78 -3.46
N ASP B 276 0.52 21.81 -3.18
CA ASP B 276 -0.46 22.00 -4.26
C ASP B 276 -0.27 23.31 -5.02
N ILE B 277 0.06 24.39 -4.31
CA ILE B 277 0.20 25.71 -4.96
C ILE B 277 1.38 25.62 -5.92
N ARG B 278 2.45 25.00 -5.43
CA ARG B 278 3.65 24.82 -6.24
C ARG B 278 3.40 23.94 -7.45
N MET B 279 2.64 22.86 -7.26
CA MET B 279 2.22 22.03 -8.40
C MET B 279 1.51 22.86 -9.45
N ARG B 280 0.55 23.64 -8.98
CA ARG B 280 -0.22 24.48 -9.86
C ARG B 280 0.64 25.52 -10.57
N GLN B 281 1.59 26.13 -9.86
CA GLN B 281 2.42 27.17 -10.49
CA GLN B 281 2.48 27.16 -10.43
C GLN B 281 3.45 26.59 -11.46
N ARG B 282 4.06 25.45 -11.12
CA ARG B 282 5.28 25.00 -11.81
C ARG B 282 5.15 23.81 -12.77
N ILE B 283 4.11 23.01 -12.61
CA ILE B 283 4.03 21.75 -13.35
C ILE B 283 2.99 21.85 -14.43
N ILE B 284 3.38 21.53 -15.65
CA ILE B 284 2.45 21.50 -16.77
C ILE B 284 1.56 20.27 -16.59
N GLU B 285 0.24 20.47 -16.76
CA GLU B 285 -0.81 19.45 -16.63
C GLU B 285 -1.03 18.98 -15.22
N GLU B 286 -2.08 18.18 -15.04
CA GLU B 286 -2.42 17.63 -13.74
C GLU B 286 -1.67 16.33 -13.47
N ASN B 287 -1.10 16.22 -12.28
CA ASN B 287 -0.60 14.95 -11.74
C ASN B 287 -1.78 14.01 -11.61
N ARG B 288 -1.54 12.75 -11.94
CA ARG B 288 -2.56 11.73 -11.87
C ARG B 288 -2.51 11.03 -10.51
N TYR B 289 -1.34 11.00 -9.85
CA TYR B 289 -1.22 10.29 -8.59
C TYR B 289 -1.06 11.22 -7.42
N LEU B 290 -0.16 12.17 -7.55
CA LEU B 290 0.33 12.93 -6.41
C LEU B 290 -0.29 14.31 -6.29
N ASP B 291 -1.02 14.55 -5.20
CA ASP B 291 -1.27 15.91 -4.72
C ASP B 291 -0.55 16.09 -3.36
N GLY B 292 -0.70 17.26 -2.78
CA GLY B 292 -0.10 17.56 -1.48
C GLY B 292 -0.51 16.59 -0.39
N LYS B 293 -1.81 16.28 -0.30
CA LYS B 293 -2.25 15.36 0.76
C LYS B 293 -1.58 13.98 0.57
N THR B 294 -1.49 13.54 -0.69
CA THR B 294 -1.02 12.23 -1.00
C THR B 294 0.44 12.16 -0.52
N PHE B 295 1.22 13.21 -0.76
CA PHE B 295 2.59 13.25 -0.29
C PHE B 295 2.67 13.17 1.24
N VAL B 296 1.83 13.95 1.94
CA VAL B 296 1.82 13.93 3.42
C VAL B 296 1.51 12.52 3.92
N SER B 297 0.54 11.86 3.31
CA SER B 297 0.17 10.51 3.64
C SER B 297 1.35 9.54 3.39
N SER B 298 1.94 9.64 2.21
CA SER B 298 3.08 8.81 1.83
C SER B 298 4.25 8.96 2.76
N SER B 299 4.43 10.16 3.25
CA SER B 299 5.54 10.45 4.16
C SER B 299 5.20 10.21 5.62
N THR B 300 3.98 9.76 5.91
CA THR B 300 3.65 9.31 7.26
C THR B 300 3.68 7.81 7.22
N LEU B 301 4.77 7.24 7.69
CA LEU B 301 4.88 5.76 7.66
C LEU B 301 4.07 5.15 8.81
N SER B 302 3.72 3.86 8.68
CA SER B 302 3.08 3.11 9.80
C SER B 302 3.97 3.06 11.04
N LYS B 303 3.36 2.84 12.20
CA LYS B 303 4.08 2.74 13.46
C LYS B 303 5.30 1.80 13.38
N ALA B 304 5.06 0.60 12.87
CA ALA B 304 6.09 -0.40 12.85
C ALA B 304 7.23 0.01 11.91
N VAL B 305 6.89 0.55 10.74
CA VAL B 305 7.92 0.88 9.75
C VAL B 305 8.71 2.07 10.23
N ARG B 306 8.00 3.08 10.75
CA ARG B 306 8.64 4.27 11.29
C ARG B 306 9.73 3.93 12.33
N ASN B 307 9.34 3.11 13.30
CA ASN B 307 10.25 2.75 14.38
C ASN B 307 11.40 1.87 13.88
N SER B 308 11.10 0.93 12.98
CA SER B 308 12.13 0.10 12.38
C SER B 308 13.20 0.99 11.67
N LEU B 309 12.74 1.99 10.92
CA LEU B 309 13.67 2.93 10.28
C LEU B 309 14.48 3.70 11.30
N ASN B 310 13.84 4.12 12.40
CA ASN B 310 14.54 4.92 13.39
C ASN B 310 15.64 4.13 14.09
N ASN B 311 15.38 2.85 14.30
CA ASN B 311 16.29 1.96 15.03
C ASN B 311 17.32 1.27 14.14
N GLU B 312 17.21 1.45 12.82
CA GLU B 312 18.14 0.81 11.90
C GLU B 312 19.55 1.30 12.13
N THR B 313 20.51 0.38 12.06
CA THR B 313 21.93 0.74 12.21
C THR B 313 22.87 0.35 11.06
N HIS B 314 22.39 -0.42 10.10
CA HIS B 314 23.20 -0.75 8.92
C HIS B 314 23.45 0.52 8.10
N VAL B 315 24.68 0.71 7.68
CA VAL B 315 25.06 1.80 6.83
C VAL B 315 25.81 1.12 5.68
N TYR B 316 25.44 1.45 4.45
CA TYR B 316 26.12 0.88 3.31
C TYR B 316 27.49 1.50 3.12
N THR B 317 28.52 0.68 2.98
CA THR B 317 29.89 1.18 2.83
C THR B 317 30.68 0.38 1.81
N GLU B 318 31.73 1.03 1.34
CA GLU B 318 32.72 0.42 0.45
C GLU B 318 33.69 -0.45 1.26
#